data_1L2D
#
_entry.id   1L2D
#
_cell.length_a   44.906
_cell.length_b   94.486
_cell.length_c   104.384
_cell.angle_alpha   90.00
_cell.angle_beta   90.00
_cell.angle_gamma   90.00
#
_symmetry.space_group_name_H-M   'P 21 21 21'
#
loop_
_entity.id
_entity.type
_entity.pdbx_description
1 polymer "5'-D(*AP*G*GP*TP*AP*GP*AP*CP*GP*TP*GP*GP*AP*CP*GP*C)-3'"
2 polymer "5'-D(*TP*GP*C*GP*TP*CP*CP*AP*(HPD)P*GP*TP*CP*TP*AP*CP*C)-3'"
3 polymer MutM
4 non-polymer 'ZINC ION'
5 water water
#
loop_
_entity_poly.entity_id
_entity_poly.type
_entity_poly.pdbx_seq_one_letter_code
_entity_poly.pdbx_strand_id
1 'polydeoxyribonucleotide' (DA)(DG)(DG)(DT)(DA)(DG)(DA)(DC)(DG)(DT)(DG)(DG)(DA)(DC)(DG)(DC) B
2 'polydeoxyribonucleotide' (DT)(DG)(DC)(DG)(DT)(DC)(DC)(DA)(HPD)(DG)(DT)(DC)(DT)(DA)(DC)(DC) C
3 'polypeptide(L)'
;MPELPEVETIRRTLLPLIVGKTIEDVRIFWPNIIRHPRDSEAFAARMIGQTVRGLERRGKFLKFLLDRDALISHLRMEGR
YAVASALEPLEPHTHVVFCFTDGSELRYRDVRKFGTMHVYAKEEADRRPPLAELGPEPLSPAFSPAVLAERAVKTKRSVK
ALLLDQTVVAGFGNIYVDESLFRAGILPGRPAASLSSKEIERLHEEMVATIGEAVMKGGSTVRTYVNTQGEAGTFQHHLY
VYGRQGNPCKRCGTPIEKTVVAGRGTHYCPRCQR
;
A
#
loop_
_chem_comp.id
_chem_comp.type
_chem_comp.name
_chem_comp.formula
DA DNA linking 2'-DEOXYADENOSINE-5'-MONOPHOSPHATE 'C10 H14 N5 O6 P'
DC DNA linking 2'-DEOXYCYTIDINE-5'-MONOPHOSPHATE 'C9 H14 N3 O7 P'
DG DNA linking 2'-DEOXYGUANOSINE-5'-MONOPHOSPHATE 'C10 H14 N5 O7 P'
DT DNA linking THYMIDINE-5'-MONOPHOSPHATE 'C10 H15 N2 O8 P'
HPD non-polymer 1-HYDROXY-PENTANE-3,4-DIOL-5-PHOSPHATE 'C5 H13 O7 P'
ZN non-polymer 'ZINC ION' 'Zn 2'
#
# COMPACT_ATOMS: atom_id res chain seq x y z
P HPD B 9 0.93 -8.92 -8.74
O5' HPD B 9 0.64 -7.70 -7.74
O1P HPD B 9 1.22 -8.38 -10.10
O2P HPD B 9 1.89 -9.84 -8.10
C5' HPD B 9 0.08 -6.48 -8.21
O4' HPD B 9 -0.33 -4.17 -7.59
O3' HPD B 9 0.50 -4.76 -4.86
C1' HPD B 9 -2.17 -6.43 -4.86
O1' HPD B 9 -2.94 -7.38 -5.65
C3' HPD B 9 -0.11 -5.69 -5.78
C4' HPD B 9 0.36 -5.39 -7.20
C2' HPD B 9 -1.61 -5.43 -5.85
N PRO C 2 -3.63 -3.46 -3.21
CA PRO C 2 -3.36 -2.06 -3.59
C PRO C 2 -2.00 -1.57 -3.11
N GLU C 3 -1.48 -0.54 -3.80
CA GLU C 3 -0.20 0.04 -3.45
C GLU C 3 -0.49 1.45 -2.92
N LEU C 4 0.54 2.24 -2.63
CA LEU C 4 0.33 3.59 -2.07
C LEU C 4 -0.78 4.41 -2.72
N PRO C 5 -0.77 4.52 -4.06
CA PRO C 5 -1.80 5.31 -4.74
C PRO C 5 -3.25 4.85 -4.49
N GLU C 6 -3.47 3.54 -4.53
CA GLU C 6 -4.81 3.01 -4.31
C GLU C 6 -5.23 3.22 -2.85
N VAL C 7 -4.31 2.98 -1.92
CA VAL C 7 -4.61 3.16 -0.50
C VAL C 7 -4.84 4.63 -0.17
N GLU C 8 -4.08 5.53 -0.81
CA GLU C 8 -4.25 6.96 -0.56
C GLU C 8 -5.63 7.40 -1.06
N THR C 9 -6.05 6.83 -2.18
CA THR C 9 -7.36 7.16 -2.75
C THR C 9 -8.47 6.67 -1.81
N ILE C 10 -8.26 5.52 -1.19
CA ILE C 10 -9.25 4.98 -0.25
C ILE C 10 -9.34 5.91 0.97
N ARG C 11 -8.20 6.32 1.49
CA ARG C 11 -8.14 7.21 2.65
C ARG C 11 -8.93 8.49 2.43
N ARG C 12 -8.76 9.10 1.27
CA ARG C 12 -9.41 10.36 0.96
C ARG C 12 -10.93 10.28 0.84
N THR C 13 -11.45 9.25 0.18
CA THR C 13 -12.88 9.12 0.00
C THR C 13 -13.60 8.51 1.21
N LEU C 14 -12.89 7.73 2.00
CA LEU C 14 -13.49 7.09 3.17
C LEU C 14 -13.64 8.03 4.37
N LEU C 15 -12.66 8.89 4.61
CA LEU C 15 -12.67 9.79 5.75
C LEU C 15 -13.99 10.56 6.01
N PRO C 16 -14.50 11.27 5.00
CA PRO C 16 -15.76 12.02 5.23
C PRO C 16 -16.97 11.15 5.54
N LEU C 17 -16.92 9.90 5.11
CA LEU C 17 -18.02 8.95 5.34
C LEU C 17 -18.04 8.38 6.75
N ILE C 18 -16.93 8.49 7.49
CA ILE C 18 -16.89 7.94 8.84
C ILE C 18 -16.49 8.88 9.97
N VAL C 19 -15.87 10.01 9.66
CA VAL C 19 -15.44 10.93 10.70
C VAL C 19 -16.60 11.39 11.59
N GLY C 20 -16.36 11.41 12.90
CA GLY C 20 -17.39 11.85 13.83
C GLY C 20 -18.38 10.79 14.28
N LYS C 21 -18.35 9.61 13.66
CA LYS C 21 -19.27 8.54 14.05
C LYS C 21 -18.72 7.74 15.23
N THR C 22 -19.62 7.25 16.09
CA THR C 22 -19.24 6.48 17.28
C THR C 22 -19.54 4.99 17.11
N ILE C 23 -18.59 4.15 17.51
CA ILE C 23 -18.73 2.70 17.39
C ILE C 23 -19.62 2.11 18.47
N GLU C 24 -20.61 1.31 18.03
CA GLU C 24 -21.56 0.67 18.93
C GLU C 24 -21.28 -0.83 19.06
N ASP C 25 -20.80 -1.45 17.99
CA ASP C 25 -20.48 -2.87 18.01
C ASP C 25 -19.45 -3.22 16.93
N VAL C 26 -18.70 -4.30 17.16
CA VAL C 26 -17.71 -4.76 16.20
C VAL C 26 -17.92 -6.26 16.05
N ARG C 27 -18.24 -6.69 14.82
CA ARG C 27 -18.50 -8.10 14.54
C ARG C 27 -17.43 -8.71 13.63
N ILE C 28 -16.93 -9.87 14.04
CA ILE C 28 -15.86 -10.54 13.31
C ILE C 28 -16.27 -11.94 12.83
N PHE C 29 -16.19 -12.15 11.51
CA PHE C 29 -16.58 -13.42 10.92
C PHE C 29 -15.40 -14.30 10.48
N TRP C 30 -14.18 -13.78 10.61
CA TRP C 30 -12.95 -14.51 10.27
C TRP C 30 -11.83 -13.97 11.17
N PRO C 31 -11.68 -14.53 12.38
CA PRO C 31 -10.69 -14.18 13.42
C PRO C 31 -9.23 -14.02 13.02
N ASN C 32 -8.76 -14.82 12.07
CA ASN C 32 -7.37 -14.75 11.64
C ASN C 32 -6.89 -13.36 11.23
N ILE C 33 -7.81 -12.54 10.74
CA ILE C 33 -7.48 -11.17 10.31
C ILE C 33 -7.02 -10.30 11.48
N ILE C 34 -7.56 -10.58 12.65
CA ILE C 34 -7.22 -9.84 13.88
C ILE C 34 -5.85 -10.31 14.41
N ARG C 35 -4.85 -9.44 14.37
CA ARG C 35 -3.51 -9.80 14.85
C ARG C 35 -3.16 -9.28 16.25
N HIS C 36 -3.74 -8.15 16.65
CA HIS C 36 -3.49 -7.61 17.99
C HIS C 36 -4.58 -6.64 18.45
N PRO C 37 -5.16 -6.90 19.64
CA PRO C 37 -4.81 -8.04 20.50
C PRO C 37 -5.20 -9.36 19.82
N ARG C 38 -4.52 -10.44 20.19
CA ARG C 38 -4.78 -11.74 19.59
C ARG C 38 -6.23 -12.21 19.72
N ASP C 39 -6.81 -12.02 20.90
CA ASP C 39 -8.19 -12.43 21.17
C ASP C 39 -9.17 -11.48 20.48
N SER C 40 -9.96 -12.00 19.54
CA SER C 40 -10.90 -11.15 18.81
C SER C 40 -11.97 -10.52 19.69
N GLU C 41 -12.28 -11.17 20.82
CA GLU C 41 -13.29 -10.63 21.73
C GLU C 41 -12.77 -9.37 22.40
N ALA C 42 -11.48 -9.34 22.71
CA ALA C 42 -10.86 -8.19 23.35
C ALA C 42 -10.78 -7.05 22.34
N PHE C 43 -10.43 -7.40 21.10
CA PHE C 43 -10.31 -6.46 19.97
C PHE C 43 -11.66 -5.71 19.79
N ALA C 44 -12.74 -6.47 19.80
CA ALA C 44 -14.07 -5.89 19.64
C ALA C 44 -14.49 -4.99 20.81
N ALA C 45 -14.36 -5.51 22.03
CA ALA C 45 -14.74 -4.77 23.23
C ALA C 45 -14.03 -3.43 23.45
N ARG C 46 -12.73 -3.35 23.17
CA ARG C 46 -12.00 -2.10 23.41
C ARG C 46 -12.39 -0.92 22.51
N MET C 47 -12.92 -1.19 21.32
CA MET C 47 -13.30 -0.10 20.43
C MET C 47 -14.71 0.44 20.63
N ILE C 48 -15.55 -0.34 21.30
CA ILE C 48 -16.92 0.07 21.57
C ILE C 48 -16.90 1.39 22.35
N GLY C 49 -17.69 2.36 21.90
CA GLY C 49 -17.74 3.64 22.58
C GLY C 49 -16.77 4.71 22.12
N GLN C 50 -15.82 4.35 21.26
CA GLN C 50 -14.86 5.31 20.75
C GLN C 50 -15.40 5.94 19.47
N THR C 51 -15.03 7.19 19.23
CA THR C 51 -15.47 7.91 18.04
C THR C 51 -14.33 8.07 17.03
N VAL C 52 -14.64 7.96 15.74
CA VAL C 52 -13.64 8.11 14.68
C VAL C 52 -13.27 9.59 14.58
N ARG C 53 -11.99 9.90 14.80
CA ARG C 53 -11.52 11.29 14.76
C ARG C 53 -10.70 11.63 13.51
N GLY C 54 -10.19 10.61 12.84
CA GLY C 54 -9.40 10.85 11.65
C GLY C 54 -8.94 9.58 10.95
N LEU C 55 -8.28 9.74 9.81
CA LEU C 55 -7.79 8.62 9.02
C LEU C 55 -6.53 9.03 8.26
N GLU C 56 -5.42 8.34 8.55
CA GLU C 56 -4.15 8.63 7.90
C GLU C 56 -3.62 7.39 7.20
N ARG C 57 -2.55 7.59 6.42
CA ARG C 57 -1.89 6.51 5.70
C ARG C 57 -0.38 6.52 5.97
N ARG C 58 0.21 5.34 6.05
CA ARG C 58 1.65 5.18 6.26
C ARG C 58 2.03 4.00 5.37
N GLY C 59 2.78 4.26 4.30
CA GLY C 59 3.14 3.19 3.40
C GLY C 59 1.86 2.67 2.77
N LYS C 60 1.64 1.36 2.83
CA LYS C 60 0.43 0.77 2.28
C LYS C 60 -0.63 0.55 3.38
N PHE C 61 -0.35 1.04 4.59
CA PHE C 61 -1.28 0.88 5.73
C PHE C 61 -2.24 2.05 5.94
N LEU C 62 -3.43 1.74 6.42
CA LEU C 62 -4.42 2.77 6.75
C LEU C 62 -4.38 2.84 8.27
N LYS C 63 -4.48 4.04 8.83
CA LYS C 63 -4.48 4.19 10.27
C LYS C 63 -5.71 4.95 10.74
N PHE C 64 -6.69 4.21 11.23
CA PHE C 64 -7.93 4.81 11.73
C PHE C 64 -7.63 5.37 13.12
N LEU C 65 -7.83 6.68 13.29
CA LEU C 65 -7.59 7.33 14.57
C LEU C 65 -8.88 7.50 15.35
N LEU C 66 -8.97 6.85 16.52
CA LEU C 66 -10.17 6.91 17.35
C LEU C 66 -9.93 7.83 18.56
N ASP C 67 -10.56 7.56 19.70
CA ASP C 67 -10.35 8.43 20.86
C ASP C 67 -9.02 8.15 21.54
N ARG C 68 -8.83 6.91 21.97
CA ARG C 68 -7.60 6.51 22.64
C ARG C 68 -6.74 5.62 21.75
N ASP C 69 -7.38 4.78 20.94
CA ASP C 69 -6.65 3.86 20.06
C ASP C 69 -6.52 4.28 18.61
N ALA C 70 -5.67 3.52 17.92
CA ALA C 70 -5.44 3.67 16.50
C ALA C 70 -5.57 2.25 15.95
N LEU C 71 -6.38 2.10 14.90
CA LEU C 71 -6.57 0.80 14.25
C LEU C 71 -5.72 0.79 12.98
N ILE C 72 -4.73 -0.10 12.94
CA ILE C 72 -3.82 -0.23 11.79
C ILE C 72 -4.28 -1.39 10.90
N SER C 73 -4.63 -1.05 9.66
CA SER C 73 -5.16 -2.02 8.71
C SER C 73 -4.38 -2.12 7.39
N HIS C 74 -4.02 -3.35 7.02
CA HIS C 74 -3.29 -3.62 5.78
C HIS C 74 -4.22 -4.47 4.89
N LEU C 75 -4.53 -3.98 3.70
CA LEU C 75 -5.42 -4.68 2.77
C LEU C 75 -4.77 -5.83 2.00
N ARG C 76 -3.44 -5.90 2.03
CA ARG C 76 -2.72 -6.93 1.31
C ARG C 76 -3.09 -6.96 -0.17
N MET C 77 -3.59 -8.11 -0.65
CA MET C 77 -3.94 -8.25 -2.06
C MET C 77 -5.33 -7.82 -2.51
N GLU C 78 -6.38 -8.14 -1.75
CA GLU C 78 -7.73 -7.78 -2.17
C GLU C 78 -8.69 -7.19 -1.13
N GLY C 79 -8.17 -6.75 0.01
CA GLY C 79 -9.04 -6.17 1.01
C GLY C 79 -9.68 -4.87 0.54
N ARG C 80 -10.93 -4.61 0.94
CA ARG C 80 -11.63 -3.38 0.54
C ARG C 80 -12.61 -2.91 1.61
N TYR C 81 -12.88 -1.61 1.64
CA TYR C 81 -13.80 -1.00 2.60
C TYR C 81 -14.99 -0.32 1.90
N ALA C 82 -16.14 -0.32 2.58
CA ALA C 82 -17.35 0.31 2.07
C ALA C 82 -18.23 0.72 3.25
N VAL C 83 -18.97 1.80 3.10
CA VAL C 83 -19.87 2.30 4.13
C VAL C 83 -21.28 2.12 3.60
N ALA C 84 -22.17 1.58 4.44
CA ALA C 84 -23.55 1.35 4.03
C ALA C 84 -24.49 1.21 5.22
N SER C 85 -25.78 1.06 4.92
CA SER C 85 -26.81 0.89 5.94
C SER C 85 -26.72 -0.48 6.60
N ALA C 86 -26.85 -0.51 7.91
CA ALA C 86 -26.79 -1.77 8.67
C ALA C 86 -28.06 -2.60 8.49
N LEU C 87 -29.04 -2.04 7.78
CA LEU C 87 -30.31 -2.74 7.55
C LEU C 87 -30.30 -3.62 6.30
N GLU C 88 -29.35 -3.40 5.40
CA GLU C 88 -29.25 -4.17 4.16
C GLU C 88 -28.36 -5.41 4.34
N PRO C 89 -28.55 -6.43 3.49
CA PRO C 89 -27.75 -7.65 3.59
C PRO C 89 -26.29 -7.37 3.20
N LEU C 90 -25.37 -8.10 3.83
CA LEU C 90 -23.95 -7.95 3.55
C LEU C 90 -23.57 -8.59 2.22
N GLU C 91 -22.49 -8.10 1.62
CA GLU C 91 -21.99 -8.62 0.36
C GLU C 91 -21.09 -9.81 0.67
N PRO C 92 -20.88 -10.71 -0.30
CA PRO C 92 -20.03 -11.89 -0.11
C PRO C 92 -18.62 -11.54 0.37
N HIS C 93 -18.05 -12.42 1.18
CA HIS C 93 -16.69 -12.26 1.72
C HIS C 93 -16.50 -11.09 2.69
N THR C 94 -17.55 -10.72 3.43
CA THR C 94 -17.42 -9.63 4.41
C THR C 94 -16.92 -10.29 5.70
N HIS C 95 -15.73 -9.94 6.14
CA HIS C 95 -15.15 -10.56 7.33
C HIS C 95 -15.14 -9.77 8.63
N VAL C 96 -15.20 -8.45 8.57
CA VAL C 96 -15.24 -7.62 9.78
C VAL C 96 -16.19 -6.45 9.54
N VAL C 97 -17.02 -6.12 10.54
CA VAL C 97 -17.97 -5.00 10.40
C VAL C 97 -17.99 -4.10 11.64
N PHE C 98 -17.88 -2.79 11.42
CA PHE C 98 -17.93 -1.84 12.53
C PHE C 98 -19.27 -1.12 12.45
N CYS C 99 -20.11 -1.32 13.45
CA CYS C 99 -21.44 -0.72 13.48
C CYS C 99 -21.44 0.58 14.28
N PHE C 100 -21.98 1.65 13.70
CA PHE C 100 -22.01 2.95 14.37
C PHE C 100 -23.37 3.22 15.04
N THR C 101 -23.39 4.19 15.95
CA THR C 101 -24.62 4.53 16.66
C THR C 101 -25.71 5.15 15.77
N ASP C 102 -25.35 5.61 14.57
CA ASP C 102 -26.35 6.22 13.68
C ASP C 102 -27.00 5.23 12.71
N GLY C 103 -26.72 3.94 12.89
CA GLY C 103 -27.33 2.94 12.02
C GLY C 103 -26.54 2.60 10.76
N SER C 104 -25.43 3.29 10.56
CA SER C 104 -24.55 3.05 9.41
C SER C 104 -23.46 2.08 9.87
N GLU C 105 -22.69 1.55 8.92
CA GLU C 105 -21.61 0.63 9.26
C GLU C 105 -20.47 0.63 8.24
N LEU C 106 -19.26 0.33 8.74
CA LEU C 106 -18.05 0.23 7.89
C LEU C 106 -17.78 -1.25 7.72
N ARG C 107 -17.83 -1.73 6.49
CA ARG C 107 -17.61 -3.15 6.21
C ARG C 107 -16.27 -3.42 5.54
N TYR C 108 -15.62 -4.49 5.97
CA TYR C 108 -14.33 -4.89 5.40
C TYR C 108 -14.47 -6.24 4.67
N ARG C 109 -14.19 -6.24 3.36
CA ARG C 109 -14.28 -7.45 2.54
C ARG C 109 -12.86 -7.86 2.10
N ASP C 110 -12.63 -9.15 1.91
CA ASP C 110 -11.31 -9.64 1.50
C ASP C 110 -11.42 -11.08 1.03
N VAL C 111 -11.60 -11.26 -0.28
CA VAL C 111 -11.76 -12.57 -0.88
C VAL C 111 -10.68 -13.59 -0.47
N ARG C 112 -9.42 -13.19 -0.53
CA ARG C 112 -8.33 -14.10 -0.19
C ARG C 112 -8.00 -14.19 1.30
N LYS C 113 -8.64 -13.37 2.11
CA LYS C 113 -8.43 -13.35 3.56
C LYS C 113 -6.99 -13.16 4.00
N PHE C 114 -6.24 -12.31 3.32
CA PHE C 114 -4.84 -12.07 3.66
C PHE C 114 -4.62 -10.84 4.56
N GLY C 115 -5.57 -9.91 4.53
CA GLY C 115 -5.44 -8.68 5.33
C GLY C 115 -5.24 -8.83 6.83
N THR C 116 -4.73 -7.78 7.48
CA THR C 116 -4.47 -7.79 8.92
C THR C 116 -4.95 -6.51 9.65
N MET C 117 -5.24 -6.63 10.93
CA MET C 117 -5.66 -5.50 11.76
C MET C 117 -4.97 -5.53 13.13
N HIS C 118 -4.34 -4.42 13.52
CA HIS C 118 -3.65 -4.28 14.81
C HIS C 118 -4.22 -3.06 15.52
N VAL C 119 -4.50 -3.18 16.82
CA VAL C 119 -5.00 -2.06 17.61
C VAL C 119 -4.06 -1.74 18.77
N TYR C 120 -3.60 -0.49 18.84
CA TYR C 120 -2.70 -0.05 19.91
C TYR C 120 -3.14 1.35 20.36
N ALA C 121 -2.63 1.78 21.51
CA ALA C 121 -2.94 3.12 21.99
C ALA C 121 -2.24 4.02 20.97
N LYS C 122 -2.85 5.16 20.67
CA LYS C 122 -2.29 6.09 19.70
C LYS C 122 -0.78 6.32 19.77
N GLU C 123 -0.29 6.66 20.96
CA GLU C 123 1.13 6.96 21.16
C GLU C 123 2.08 5.79 20.97
N GLU C 124 1.56 4.56 20.94
CA GLU C 124 2.42 3.39 20.79
C GLU C 124 2.46 2.79 19.38
N ALA C 125 1.44 3.10 18.58
CA ALA C 125 1.34 2.56 17.22
C ALA C 125 2.58 2.68 16.33
N ASP C 126 3.14 3.87 16.23
CA ASP C 126 4.32 4.08 15.40
C ASP C 126 5.59 3.41 15.90
N ARG C 127 5.58 2.93 17.14
CA ARG C 127 6.76 2.29 17.71
C ARG C 127 6.66 0.77 17.75
N ARG C 128 5.49 0.23 17.47
CA ARG C 128 5.29 -1.21 17.49
C ARG C 128 5.09 -1.75 16.07
N PRO C 129 5.19 -3.07 15.88
CA PRO C 129 4.98 -3.57 14.52
C PRO C 129 3.48 -3.47 14.26
N PRO C 130 3.06 -3.46 12.99
CA PRO C 130 3.87 -3.53 11.78
C PRO C 130 4.46 -2.22 11.26
N LEU C 131 4.14 -1.09 11.90
CA LEU C 131 4.64 0.20 11.44
C LEU C 131 6.08 0.53 11.83
N ALA C 132 6.52 -0.01 12.95
CA ALA C 132 7.85 0.23 13.50
C ALA C 132 9.03 0.42 12.54
N GLU C 133 9.33 -0.59 11.74
CA GLU C 133 10.47 -0.50 10.83
C GLU C 133 10.23 -0.09 9.37
N LEU C 134 9.22 0.73 9.12
CA LEU C 134 8.93 1.18 7.77
C LEU C 134 9.85 2.30 7.30
N GLY C 135 10.19 2.30 6.01
CA GLY C 135 11.04 3.32 5.45
C GLY C 135 10.30 4.64 5.31
N PRO C 136 10.98 5.70 4.81
CA PRO C 136 10.32 7.00 4.65
C PRO C 136 9.26 7.05 3.55
N GLU C 137 8.40 8.06 3.64
CA GLU C 137 7.35 8.27 2.65
C GLU C 137 8.04 8.83 1.40
N PRO C 138 7.78 8.24 0.23
CA PRO C 138 8.37 8.67 -1.04
C PRO C 138 8.09 10.11 -1.44
N LEU C 139 6.94 10.64 -1.02
CA LEU C 139 6.58 12.02 -1.36
C LEU C 139 7.03 13.01 -0.30
N SER C 140 7.99 12.61 0.53
CA SER C 140 8.48 13.49 1.58
C SER C 140 9.99 13.71 1.51
N PRO C 141 10.46 14.85 2.05
CA PRO C 141 11.88 15.21 2.06
C PRO C 141 12.77 14.10 2.64
N ALA C 142 12.17 13.23 3.45
CA ALA C 142 12.90 12.14 4.07
C ALA C 142 13.46 11.16 3.03
N PHE C 143 12.78 11.04 1.89
CA PHE C 143 13.22 10.14 0.83
C PHE C 143 14.01 10.95 -0.20
N SER C 144 15.28 10.60 -0.39
CA SER C 144 16.13 11.30 -1.33
C SER C 144 17.08 10.32 -2.01
N PRO C 145 17.82 10.79 -3.04
CA PRO C 145 18.76 9.89 -3.73
C PRO C 145 19.75 9.29 -2.73
N ALA C 146 20.21 10.13 -1.81
CA ALA C 146 21.16 9.72 -0.78
C ALA C 146 20.67 8.49 -0.02
N VAL C 147 19.42 8.54 0.42
CA VAL C 147 18.84 7.41 1.17
C VAL C 147 18.81 6.17 0.28
N LEU C 148 18.42 6.35 -0.98
CA LEU C 148 18.36 5.23 -1.91
C LEU C 148 19.76 4.68 -2.14
N ALA C 149 20.71 5.58 -2.39
CA ALA C 149 22.09 5.19 -2.64
C ALA C 149 22.70 4.44 -1.45
N GLU C 150 22.47 4.95 -0.24
CA GLU C 150 23.00 4.33 0.97
C GLU C 150 22.60 2.86 1.07
N ARG C 151 21.36 2.55 0.73
CA ARG C 151 20.89 1.17 0.78
C ARG C 151 21.32 0.38 -0.45
N ALA C 152 21.35 1.05 -1.61
CA ALA C 152 21.75 0.40 -2.85
C ALA C 152 23.20 -0.10 -2.78
N VAL C 153 24.12 0.83 -2.56
CA VAL C 153 25.54 0.50 -2.47
C VAL C 153 25.82 -0.18 -1.13
N LYS C 154 25.17 -1.30 -0.88
CA LYS C 154 25.34 -2.05 0.36
C LYS C 154 24.70 -3.42 0.27
N THR C 155 24.14 -3.74 -0.89
CA THR C 155 23.49 -5.02 -1.10
C THR C 155 23.89 -5.59 -2.46
N LYS C 156 23.62 -6.87 -2.68
CA LYS C 156 23.95 -7.51 -3.94
C LYS C 156 22.69 -7.91 -4.71
N ARG C 157 21.54 -7.82 -4.04
CA ARG C 157 20.27 -8.19 -4.68
C ARG C 157 19.87 -7.23 -5.80
N SER C 158 18.91 -7.66 -6.62
CA SER C 158 18.42 -6.86 -7.74
C SER C 158 17.82 -5.54 -7.27
N VAL C 159 17.75 -4.59 -8.19
CA VAL C 159 17.20 -3.27 -7.88
C VAL C 159 15.68 -3.33 -7.65
N LYS C 160 15.01 -4.33 -8.24
CA LYS C 160 13.58 -4.47 -8.04
C LYS C 160 13.32 -4.95 -6.61
N ALA C 161 14.18 -5.85 -6.12
CA ALA C 161 14.03 -6.38 -4.76
C ALA C 161 14.23 -5.25 -3.76
N LEU C 162 15.18 -4.37 -4.05
CA LEU C 162 15.46 -3.26 -3.17
C LEU C 162 14.24 -2.34 -3.02
N LEU C 163 13.58 -2.07 -4.14
CA LEU C 163 12.41 -1.20 -4.18
C LEU C 163 11.15 -1.78 -3.57
N LEU C 164 11.04 -3.10 -3.57
CA LEU C 164 9.88 -3.78 -2.99
C LEU C 164 10.01 -3.91 -1.46
N ASP C 165 11.20 -3.60 -0.95
CA ASP C 165 11.51 -3.69 0.48
C ASP C 165 10.98 -2.45 1.22
N GLN C 166 9.87 -2.62 1.94
CA GLN C 166 9.26 -1.50 2.66
C GLN C 166 10.15 -0.76 3.67
N THR C 167 11.25 -1.37 4.10
CA THR C 167 12.16 -0.72 5.06
C THR C 167 13.05 0.31 4.36
N VAL C 168 13.20 0.17 3.05
CA VAL C 168 14.01 1.10 2.25
C VAL C 168 13.19 2.35 1.97
N VAL C 169 11.98 2.13 1.45
CA VAL C 169 11.04 3.20 1.13
C VAL C 169 9.67 2.53 1.21
N ALA C 170 8.68 3.24 1.75
CA ALA C 170 7.35 2.66 1.92
C ALA C 170 6.30 3.02 0.88
N GLY C 171 5.60 2.01 0.37
CA GLY C 171 4.53 2.28 -0.58
C GLY C 171 4.58 1.67 -1.97
N PHE C 172 5.75 1.24 -2.44
CA PHE C 172 5.87 0.65 -3.77
C PHE C 172 5.60 -0.85 -3.87
N GLY C 173 4.83 -1.23 -4.89
CA GLY C 173 4.50 -2.62 -5.13
C GLY C 173 4.91 -3.02 -6.54
N ASN C 174 4.44 -4.18 -6.99
CA ASN C 174 4.77 -4.70 -8.31
C ASN C 174 4.48 -3.77 -9.49
N ILE C 175 3.34 -3.09 -9.47
CA ILE C 175 2.99 -2.20 -10.56
C ILE C 175 3.88 -0.96 -10.66
N TYR C 176 4.02 -0.23 -9.55
CA TYR C 176 4.81 0.99 -9.61
C TYR C 176 6.33 0.81 -9.59
N VAL C 177 6.82 -0.36 -9.18
CA VAL C 177 8.25 -0.62 -9.22
C VAL C 177 8.61 -0.88 -10.69
N ASP C 178 7.80 -1.69 -11.38
CA ASP C 178 8.05 -1.98 -12.80
C ASP C 178 7.94 -0.71 -13.65
N GLU C 179 6.93 0.13 -13.37
CA GLU C 179 6.72 1.36 -14.11
C GLU C 179 7.82 2.40 -13.86
N SER C 180 8.27 2.51 -12.62
CA SER C 180 9.32 3.46 -12.27
C SER C 180 10.65 3.09 -12.94
N LEU C 181 10.97 1.79 -12.96
CA LEU C 181 12.22 1.33 -13.55
C LEU C 181 12.25 1.56 -15.07
N PHE C 182 11.09 1.43 -15.72
CA PHE C 182 11.00 1.66 -17.16
C PHE C 182 11.25 3.13 -17.47
N ARG C 183 10.53 3.99 -16.76
CA ARG C 183 10.65 5.44 -16.97
C ARG C 183 12.06 5.93 -16.70
N ALA C 184 12.78 5.24 -15.80
CA ALA C 184 14.15 5.60 -15.47
C ALA C 184 15.14 4.91 -16.41
N GLY C 185 14.65 3.92 -17.16
CA GLY C 185 15.49 3.19 -18.10
C GLY C 185 16.47 2.22 -17.47
N ILE C 186 16.01 1.43 -16.51
CA ILE C 186 16.86 0.47 -15.81
C ILE C 186 16.25 -0.93 -15.76
N LEU C 187 17.02 -1.95 -16.16
CA LEU C 187 16.52 -3.32 -16.13
C LEU C 187 16.24 -3.76 -14.69
N PRO C 188 15.07 -4.34 -14.43
CA PRO C 188 14.69 -4.80 -13.08
C PRO C 188 15.62 -5.83 -12.44
N GLY C 189 16.16 -6.74 -13.23
CA GLY C 189 17.02 -7.77 -12.68
C GLY C 189 18.47 -7.46 -12.37
N ARG C 190 18.95 -6.26 -12.68
CA ARG C 190 20.34 -5.96 -12.40
C ARG C 190 20.66 -5.63 -10.94
N PRO C 191 21.90 -5.94 -10.51
CA PRO C 191 22.36 -5.70 -9.14
C PRO C 191 22.17 -4.25 -8.72
N ALA C 192 21.57 -4.05 -7.55
CA ALA C 192 21.33 -2.71 -7.06
C ALA C 192 22.64 -1.97 -6.84
N ALA C 193 23.71 -2.73 -6.61
CA ALA C 193 25.03 -2.14 -6.38
C ALA C 193 25.75 -1.74 -7.67
N SER C 194 25.16 -2.06 -8.82
CA SER C 194 25.76 -1.73 -10.10
C SER C 194 25.27 -0.38 -10.63
N LEU C 195 24.24 0.16 -9.99
CA LEU C 195 23.69 1.44 -10.41
C LEU C 195 24.62 2.61 -10.10
N SER C 196 24.84 3.47 -11.09
CA SER C 196 25.70 4.61 -10.93
C SER C 196 25.00 5.72 -10.16
N SER C 197 25.70 6.82 -9.92
CA SER C 197 25.13 7.95 -9.20
C SER C 197 24.06 8.65 -10.04
N LYS C 198 24.30 8.71 -11.35
CA LYS C 198 23.35 9.34 -12.27
C LYS C 198 22.06 8.53 -12.34
N GLU C 199 22.19 7.21 -12.33
CA GLU C 199 21.04 6.32 -12.39
C GLU C 199 20.18 6.45 -11.13
N ILE C 200 20.81 6.39 -9.97
CA ILE C 200 20.09 6.50 -8.71
C ILE C 200 19.26 7.79 -8.65
N GLU C 201 19.85 8.91 -9.04
CA GLU C 201 19.14 10.18 -9.03
C GLU C 201 17.95 10.11 -9.97
N ARG C 202 18.19 9.53 -11.16
CA ARG C 202 17.17 9.38 -12.17
C ARG C 202 16.02 8.51 -11.65
N LEU C 203 16.36 7.42 -10.98
CA LEU C 203 15.37 6.52 -10.43
C LEU C 203 14.54 7.23 -9.35
N HIS C 204 15.21 7.95 -8.47
CA HIS C 204 14.52 8.69 -7.41
C HIS C 204 13.53 9.65 -8.05
N GLU C 205 13.97 10.33 -9.10
CA GLU C 205 13.13 11.30 -9.80
C GLU C 205 11.87 10.67 -10.41
N GLU C 206 12.04 9.52 -11.05
CA GLU C 206 10.91 8.83 -11.67
C GLU C 206 9.98 8.17 -10.64
N MET C 207 10.55 7.72 -9.53
CA MET C 207 9.73 7.09 -8.49
C MET C 207 8.75 8.13 -7.93
N VAL C 208 9.27 9.31 -7.60
CA VAL C 208 8.46 10.39 -7.05
C VAL C 208 7.39 10.84 -8.05
N ALA C 209 7.80 11.02 -9.30
CA ALA C 209 6.88 11.46 -10.34
C ALA C 209 5.78 10.44 -10.64
N THR C 210 6.13 9.16 -10.66
CA THR C 210 5.18 8.10 -10.95
C THR C 210 4.12 7.98 -9.85
N ILE C 211 4.58 7.87 -8.60
CA ILE C 211 3.67 7.74 -7.48
C ILE C 211 2.82 9.01 -7.35
N GLY C 212 3.42 10.16 -7.66
CA GLY C 212 2.70 11.41 -7.58
C GLY C 212 1.58 11.51 -8.60
N GLU C 213 1.85 11.12 -9.84
CA GLU C 213 0.86 11.17 -10.91
C GLU C 213 -0.24 10.13 -10.69
N ALA C 214 0.14 8.97 -10.16
CA ALA C 214 -0.80 7.90 -9.88
C ALA C 214 -1.83 8.34 -8.83
N VAL C 215 -1.36 9.02 -7.78
CA VAL C 215 -2.28 9.49 -6.75
C VAL C 215 -3.28 10.46 -7.36
N MET C 216 -2.78 11.36 -8.22
CA MET C 216 -3.64 12.34 -8.87
C MET C 216 -4.74 11.72 -9.72
N LYS C 217 -4.47 10.57 -10.33
CA LYS C 217 -5.46 9.90 -11.17
C LYS C 217 -6.32 8.88 -10.43
N GLY C 218 -6.21 8.84 -9.11
CA GLY C 218 -7.01 7.91 -8.32
C GLY C 218 -6.57 6.46 -8.39
N GLY C 219 -5.28 6.22 -8.60
CA GLY C 219 -4.77 4.86 -8.67
C GLY C 219 -5.07 4.13 -9.96
N SER C 220 -4.68 2.86 -10.02
CA SER C 220 -4.90 2.04 -11.21
C SER C 220 -5.99 1.01 -10.92
N PHE C 235 -5.26 5.47 -13.76
CA PHE C 235 -3.86 5.54 -14.14
C PHE C 235 -3.46 4.34 -15.00
N GLN C 236 -4.32 3.32 -15.05
CA GLN C 236 -4.01 2.14 -15.84
C GLN C 236 -3.81 2.47 -17.31
N HIS C 237 -4.37 3.59 -17.76
CA HIS C 237 -4.24 4.00 -19.16
C HIS C 237 -2.87 4.62 -19.40
N HIS C 238 -2.13 4.85 -18.32
CA HIS C 238 -0.81 5.47 -18.41
C HIS C 238 0.31 4.49 -18.07
N LEU C 239 0.01 3.20 -18.19
CA LEU C 239 0.99 2.15 -17.90
C LEU C 239 1.84 1.85 -19.13
N TYR C 240 3.16 1.86 -18.95
CA TYR C 240 4.07 1.57 -20.04
C TYR C 240 4.40 0.08 -20.16
N VAL C 241 4.52 -0.61 -19.02
CA VAL C 241 4.88 -2.02 -19.07
C VAL C 241 4.01 -3.05 -18.33
N TYR C 242 3.55 -2.72 -17.13
CA TYR C 242 2.76 -3.68 -16.36
C TYR C 242 1.55 -4.24 -17.11
N GLY C 243 1.53 -5.56 -17.23
CA GLY C 243 0.45 -6.25 -17.91
C GLY C 243 0.37 -6.07 -19.41
N ARG C 244 1.41 -5.50 -20.01
CA ARG C 244 1.42 -5.27 -21.46
C ARG C 244 2.33 -6.23 -22.23
N GLN C 245 2.70 -7.36 -21.62
CA GLN C 245 3.57 -8.32 -22.29
C GLN C 245 3.02 -8.74 -23.65
N GLY C 246 3.90 -8.74 -24.65
CA GLY C 246 3.49 -9.13 -25.99
C GLY C 246 3.03 -7.96 -26.84
N ASN C 247 2.79 -6.82 -26.20
CA ASN C 247 2.34 -5.61 -26.90
C ASN C 247 3.54 -4.69 -27.14
N PRO C 248 3.46 -3.85 -28.18
CA PRO C 248 4.56 -2.92 -28.49
C PRO C 248 4.77 -1.82 -27.46
N CYS C 249 6.04 -1.49 -27.20
CA CYS C 249 6.40 -0.45 -26.27
C CYS C 249 5.79 0.85 -26.81
N LYS C 250 5.28 1.68 -25.92
CA LYS C 250 4.67 2.95 -26.32
C LYS C 250 5.72 3.95 -26.79
N ARG C 251 6.98 3.71 -26.41
CA ARG C 251 8.07 4.60 -26.77
C ARG C 251 8.97 4.15 -27.94
N CYS C 252 9.21 2.85 -28.08
CA CYS C 252 10.07 2.38 -29.18
C CYS C 252 9.44 1.30 -30.06
N GLY C 253 8.32 0.73 -29.64
CA GLY C 253 7.67 -0.29 -30.44
C GLY C 253 8.13 -1.73 -30.23
N THR C 254 9.22 -1.92 -29.50
CA THR C 254 9.73 -3.27 -29.22
C THR C 254 8.71 -4.01 -28.34
N PRO C 255 8.46 -5.30 -28.61
CA PRO C 255 7.49 -6.05 -27.80
C PRO C 255 7.87 -6.10 -26.33
N ILE C 256 6.92 -5.81 -25.45
CA ILE C 256 7.16 -5.85 -24.02
C ILE C 256 7.32 -7.30 -23.60
N GLU C 257 8.26 -7.56 -22.70
CA GLU C 257 8.51 -8.92 -22.22
C GLU C 257 8.17 -9.09 -20.75
N LYS C 258 7.95 -10.35 -20.35
CA LYS C 258 7.62 -10.68 -18.97
C LYS C 258 8.40 -11.91 -18.49
N THR C 259 9.01 -11.79 -17.31
CA THR C 259 9.78 -12.87 -16.70
C THR C 259 9.52 -12.88 -15.18
N VAL C 260 10.43 -13.51 -14.45
CA VAL C 260 10.32 -13.58 -12.99
C VAL C 260 11.58 -13.01 -12.35
N VAL C 261 11.39 -12.04 -11.45
CA VAL C 261 12.50 -11.39 -10.73
C VAL C 261 12.08 -11.19 -9.28
N ALA C 262 12.94 -11.61 -8.36
CA ALA C 262 12.65 -11.48 -6.93
C ALA C 262 11.36 -12.23 -6.62
N GLY C 263 11.19 -13.37 -7.27
CA GLY C 263 10.03 -14.21 -7.06
C GLY C 263 8.68 -13.68 -7.51
N ARG C 264 8.66 -12.77 -8.49
CA ARG C 264 7.39 -12.21 -8.96
C ARG C 264 7.37 -11.84 -10.44
N GLY C 265 6.17 -11.76 -11.01
CA GLY C 265 6.03 -11.39 -12.41
C GLY C 265 6.65 -10.02 -12.63
N THR C 266 7.51 -9.89 -13.63
CA THR C 266 8.19 -8.64 -13.91
C THR C 266 8.09 -8.24 -15.39
N HIS C 267 7.66 -7.00 -15.63
CA HIS C 267 7.48 -6.49 -16.99
C HIS C 267 8.50 -5.41 -17.35
N TYR C 268 9.00 -5.45 -18.58
CA TYR C 268 10.02 -4.49 -19.03
C TYR C 268 10.23 -4.48 -20.55
N CYS C 269 10.89 -3.43 -21.04
CA CYS C 269 11.21 -3.32 -22.47
C CYS C 269 12.72 -3.54 -22.59
N PRO C 270 13.14 -4.56 -23.35
CA PRO C 270 14.58 -4.86 -23.53
C PRO C 270 15.41 -3.78 -24.21
N ARG C 271 14.76 -2.86 -24.92
CA ARG C 271 15.49 -1.78 -25.58
C ARG C 271 15.58 -0.51 -24.74
N CYS C 272 14.44 -0.04 -24.21
CA CYS C 272 14.44 1.19 -23.40
C CYS C 272 15.16 1.03 -22.06
N GLN C 273 15.16 -0.18 -21.52
CA GLN C 273 15.82 -0.45 -20.24
C GLN C 273 17.14 -1.17 -20.39
N ARG C 274 18.18 -0.63 -19.76
CA ARG C 274 19.51 -1.22 -19.81
C ARG C 274 20.10 -1.35 -18.41
ZN ZN D . 10.92 0.58 -25.47
#